data_8A9M
#
_entry.id   8A9M
#
_cell.length_a   73.370
_cell.length_b   100.318
_cell.length_c   62.177
_cell.angle_alpha   90.000
_cell.angle_beta   137.270
_cell.angle_gamma   90.000
#
_symmetry.space_group_name_H-M   'C 1 2 1'
#
loop_
_entity.id
_entity.type
_entity.pdbx_description
1 polymer Agglutinin
2 non-polymer beta-D-mannopyranose
3 non-polymer 'PHOSPHATE ION'
4 water water
#
_entity_poly.entity_id   1
_entity_poly.type   'polypeptide(L)'
_entity_poly.pdbx_seq_one_letter_code
;DNILYSGETLSPGESLNYGPYTFIMQQDCNLVLYDVDKPIWASNTGGLAQGCHLSMQSDGNLVVYSPSGNRIWASNTQGE
NGNYVCIVQKDRNVVIYGTARWATGTNI
;
_entity_poly.pdbx_strand_id   A,B
#
# COMPACT_ATOMS: atom_id res chain seq x y z
N ASP A 1 7.61 -24.11 -2.86
CA ASP A 1 8.79 -23.68 -3.63
C ASP A 1 8.99 -22.16 -3.40
N ASN A 2 9.58 -21.45 -4.36
CA ASN A 2 10.06 -20.07 -4.21
C ASN A 2 9.33 -19.11 -5.16
N ILE A 3 8.28 -19.56 -5.85
CA ILE A 3 7.50 -18.72 -6.81
C ILE A 3 6.02 -18.79 -6.43
N LEU A 4 5.37 -17.65 -6.37
CA LEU A 4 3.91 -17.52 -6.30
C LEU A 4 3.44 -16.92 -7.63
N TYR A 5 2.59 -17.62 -8.34
CA TYR A 5 2.06 -17.19 -9.65
C TYR A 5 0.83 -16.32 -9.40
N SER A 6 0.58 -15.37 -10.30
CA SER A 6 -0.66 -14.57 -10.26
C SER A 6 -1.85 -15.53 -10.29
N GLY A 7 -2.86 -15.29 -9.46
CA GLY A 7 -4.04 -16.18 -9.30
C GLY A 7 -3.90 -17.12 -8.11
N GLU A 8 -2.72 -17.18 -7.46
CA GLU A 8 -2.47 -18.07 -6.29
C GLU A 8 -2.46 -17.23 -5.01
N THR A 9 -2.67 -17.89 -3.89
CA THR A 9 -2.60 -17.31 -2.54
C THR A 9 -1.70 -18.18 -1.66
N LEU A 10 -0.99 -17.56 -0.71
CA LEU A 10 -0.47 -18.24 0.49
C LEU A 10 -1.53 -18.14 1.58
N SER A 11 -2.02 -19.27 2.09
CA SER A 11 -2.88 -19.35 3.30
C SER A 11 -2.06 -19.05 4.55
N PRO A 12 -2.72 -18.80 5.70
CA PRO A 12 -2.01 -18.51 6.94
C PRO A 12 -1.08 -19.68 7.31
N GLY A 13 0.17 -19.37 7.66
CA GLY A 13 1.21 -20.35 8.00
C GLY A 13 2.00 -20.85 6.80
N GLU A 14 1.55 -20.59 5.56
CA GLU A 14 2.23 -21.06 4.31
C GLU A 14 3.36 -20.09 3.94
N SER A 15 4.37 -20.59 3.24
CA SER A 15 5.62 -19.84 2.92
C SER A 15 6.13 -20.16 1.50
N LEU A 16 6.88 -19.22 0.95
CA LEU A 16 7.85 -19.47 -0.15
C LEU A 16 9.21 -19.62 0.48
N ASN A 17 10.01 -20.52 -0.07
CA ASN A 17 11.31 -20.90 0.52
C ASN A 17 12.37 -20.99 -0.58
N TYR A 18 13.54 -20.43 -0.33
CA TYR A 18 14.79 -20.78 -1.08
C TYR A 18 15.91 -20.98 -0.08
N GLY A 19 16.46 -22.17 0.00
CA GLY A 19 17.51 -22.49 0.98
C GLY A 19 17.09 -22.00 2.38
N PRO A 20 17.93 -21.22 3.09
CA PRO A 20 17.59 -20.79 4.45
C PRO A 20 16.61 -19.60 4.49
N TYR A 21 16.14 -19.13 3.31
CA TYR A 21 15.22 -17.97 3.20
C TYR A 21 13.76 -18.43 3.19
N THR A 22 12.95 -17.84 4.05
CA THR A 22 11.51 -18.14 4.22
C THR A 22 10.68 -16.85 4.20
N PHE A 23 9.73 -16.76 3.29
CA PHE A 23 8.77 -15.64 3.11
C PHE A 23 7.41 -16.17 3.54
N ILE A 24 6.92 -15.76 4.70
CA ILE A 24 5.76 -16.42 5.34
C ILE A 24 4.64 -15.41 5.60
N MET A 25 3.41 -15.82 5.25
CA MET A 25 2.16 -15.17 5.65
C MET A 25 1.80 -15.71 7.02
N GLN A 26 2.22 -15.03 8.10
CA GLN A 26 2.07 -15.56 9.49
C GLN A 26 0.60 -15.47 9.93
N GLN A 27 0.29 -16.29 10.93
N GLN A 27 0.23 -16.29 10.92
CA GLN A 27 -1.02 -16.42 11.60
CA GLN A 27 -1.14 -16.34 11.48
C GLN A 27 -1.44 -15.05 12.18
C GLN A 27 -1.49 -15.00 12.13
N ASP A 28 -0.49 -14.22 12.58
CA ASP A 28 -0.71 -12.90 13.21
C ASP A 28 -0.87 -11.77 12.15
N CYS A 29 -0.94 -12.12 10.84
CA CYS A 29 -1.17 -11.23 9.66
C CYS A 29 0.08 -10.39 9.34
N ASN A 30 1.22 -10.71 9.95
CA ASN A 30 2.51 -10.12 9.54
C ASN A 30 3.06 -10.94 8.37
N LEU A 31 3.52 -10.25 7.33
CA LEU A 31 4.24 -10.87 6.18
C LEU A 31 5.74 -10.64 6.40
N VAL A 32 6.51 -11.72 6.60
CA VAL A 32 7.92 -11.63 7.05
C VAL A 32 8.83 -12.48 6.17
N LEU A 33 9.98 -11.92 5.82
CA LEU A 33 11.12 -12.61 5.19
C LEU A 33 12.13 -12.90 6.29
N TYR A 34 12.40 -14.17 6.54
CA TYR A 34 13.41 -14.65 7.49
C TYR A 34 14.63 -15.17 6.74
N ASP A 35 15.81 -14.79 7.19
CA ASP A 35 17.11 -15.46 6.92
C ASP A 35 17.42 -16.33 8.15
N VAL A 36 17.22 -17.64 8.03
CA VAL A 36 17.16 -18.61 9.16
C VAL A 36 16.12 -18.10 10.16
N ASP A 37 16.52 -17.62 11.35
CA ASP A 37 15.58 -17.15 12.40
C ASP A 37 15.53 -15.61 12.46
N LYS A 38 16.18 -14.90 11.55
CA LYS A 38 16.31 -13.43 11.63
C LYS A 38 15.34 -12.76 10.65
N PRO A 39 14.39 -11.94 11.14
CA PRO A 39 13.52 -11.17 10.26
C PRO A 39 14.36 -10.08 9.59
N ILE A 40 14.35 -10.02 8.25
CA ILE A 40 15.16 -9.02 7.51
C ILE A 40 14.24 -8.03 6.79
N TRP A 41 12.95 -8.35 6.67
CA TRP A 41 11.90 -7.47 6.10
C TRP A 41 10.54 -7.90 6.65
N ALA A 42 9.63 -6.96 6.90
CA ALA A 42 8.25 -7.26 7.32
C ALA A 42 7.30 -6.19 6.78
N SER A 43 6.04 -6.56 6.55
CA SER A 43 4.92 -5.63 6.26
C SER A 43 4.60 -4.79 7.51
N ASN A 44 4.99 -5.25 8.71
CA ASN A 44 4.74 -4.57 10.00
C ASN A 44 3.23 -4.45 10.24
N THR A 45 2.50 -5.54 9.98
CA THR A 45 1.03 -5.63 10.13
C THR A 45 0.69 -6.74 11.14
N GLY A 46 1.66 -7.13 11.97
CA GLY A 46 1.45 -8.11 13.04
C GLY A 46 0.39 -7.62 14.04
N GLY A 47 -0.68 -8.38 14.24
CA GLY A 47 -1.70 -8.12 15.28
C GLY A 47 -2.85 -7.28 14.76
N LEU A 48 -2.85 -6.84 13.49
CA LEU A 48 -3.97 -6.03 12.94
C LEU A 48 -5.16 -6.96 12.65
N ALA A 49 -4.93 -8.28 12.59
CA ALA A 49 -5.99 -9.29 12.36
C ALA A 49 -5.41 -10.70 12.54
N GLN A 50 -6.21 -11.72 12.25
CA GLN A 50 -5.87 -13.17 12.34
C GLN A 50 -6.32 -13.85 11.04
N GLY A 51 -5.59 -14.87 10.58
CA GLY A 51 -6.01 -15.72 9.44
C GLY A 51 -6.02 -14.96 8.13
N CYS A 52 -5.02 -14.10 7.91
CA CYS A 52 -4.83 -13.36 6.63
C CYS A 52 -4.31 -14.32 5.57
N HIS A 53 -4.59 -14.04 4.30
CA HIS A 53 -3.97 -14.72 3.15
C HIS A 53 -3.23 -13.67 2.30
N LEU A 54 -2.17 -14.10 1.64
CA LEU A 54 -1.40 -13.30 0.66
C LEU A 54 -1.87 -13.70 -0.74
N SER A 55 -2.21 -12.73 -1.58
CA SER A 55 -2.72 -12.97 -2.94
C SER A 55 -1.86 -12.20 -3.93
N MET A 56 -1.27 -12.90 -4.91
N MET A 56 -1.27 -12.90 -4.91
CA MET A 56 -0.56 -12.31 -6.08
CA MET A 56 -0.57 -12.32 -6.07
C MET A 56 -1.59 -12.17 -7.20
C MET A 56 -1.60 -12.18 -7.20
N GLN A 57 -2.02 -10.94 -7.49
CA GLN A 57 -3.19 -10.69 -8.36
C GLN A 57 -2.74 -10.53 -9.81
N SER A 58 -3.66 -10.72 -10.73
CA SER A 58 -3.40 -10.59 -12.18
C SER A 58 -3.33 -9.11 -12.58
N ASP A 59 -3.56 -8.16 -11.67
CA ASP A 59 -3.31 -6.71 -11.92
C ASP A 59 -1.90 -6.35 -11.42
N GLY A 60 -1.15 -7.32 -10.90
CA GLY A 60 0.27 -7.13 -10.53
C GLY A 60 0.46 -6.67 -9.08
N ASN A 61 -0.63 -6.52 -8.32
CA ASN A 61 -0.60 -6.08 -6.89
C ASN A 61 -0.48 -7.32 -6.00
N LEU A 62 0.46 -7.32 -5.07
CA LEU A 62 0.60 -8.31 -3.98
C LEU A 62 -0.10 -7.73 -2.75
N VAL A 63 -1.17 -8.36 -2.30
CA VAL A 63 -2.07 -7.86 -1.23
C VAL A 63 -2.17 -8.88 -0.09
N VAL A 64 -2.02 -8.42 1.15
CA VAL A 64 -2.45 -9.16 2.37
C VAL A 64 -3.93 -8.80 2.64
N TYR A 65 -4.80 -9.80 2.60
CA TYR A 65 -6.24 -9.68 2.88
C TYR A 65 -6.51 -10.30 4.26
N SER A 66 -7.35 -9.63 5.05
CA SER A 66 -7.99 -10.19 6.26
C SER A 66 -9.18 -11.05 5.82
N PRO A 67 -9.67 -11.98 6.67
CA PRO A 67 -10.77 -12.87 6.29
C PRO A 67 -12.09 -12.18 5.88
N SER A 68 -12.25 -10.89 6.19
CA SER A 68 -13.44 -10.07 5.78
C SER A 68 -13.28 -9.58 4.32
N GLY A 69 -12.30 -10.10 3.57
CA GLY A 69 -11.95 -9.68 2.18
C GLY A 69 -11.40 -8.25 2.14
N ASN A 70 -10.76 -7.80 3.23
CA ASN A 70 -10.35 -6.39 3.52
C ASN A 70 -8.82 -6.25 3.35
N ARG A 71 -8.38 -5.30 2.53
N ARG A 71 -8.38 -5.29 2.53
CA ARG A 71 -6.95 -4.98 2.22
CA ARG A 71 -6.96 -5.02 2.23
C ARG A 71 -6.24 -4.50 3.49
C ARG A 71 -6.25 -4.51 3.48
N ILE A 72 -5.19 -5.20 3.92
CA ILE A 72 -4.41 -4.91 5.16
C ILE A 72 -3.06 -4.26 4.77
N TRP A 73 -2.44 -4.76 3.71
CA TRP A 73 -1.17 -4.23 3.15
C TRP A 73 -1.15 -4.54 1.65
N ALA A 74 -0.48 -3.73 0.83
CA ALA A 74 -0.28 -4.01 -0.60
C ALA A 74 1.06 -3.43 -1.07
N SER A 75 1.63 -4.03 -2.12
CA SER A 75 2.85 -3.53 -2.80
C SER A 75 2.54 -2.21 -3.55
N ASN A 76 1.25 -1.95 -3.87
CA ASN A 76 0.76 -0.76 -4.64
C ASN A 76 1.30 -0.80 -6.07
N THR A 77 1.28 -1.97 -6.72
CA THR A 77 1.83 -2.22 -8.07
C THR A 77 0.73 -2.67 -9.01
N GLN A 78 -0.50 -2.14 -8.86
CA GLN A 78 -1.59 -2.33 -9.86
C GLN A 78 -1.12 -1.74 -11.19
N GLY A 79 -1.33 -2.49 -12.26
CA GLY A 79 -1.07 -2.01 -13.62
C GLY A 79 -1.83 -2.85 -14.62
N GLU A 80 -1.18 -3.16 -15.75
CA GLU A 80 -1.73 -4.02 -16.83
C GLU A 80 -2.23 -5.33 -16.22
N ASN A 81 -3.42 -5.73 -16.61
CA ASN A 81 -3.95 -7.09 -16.37
C ASN A 81 -3.11 -8.10 -17.16
N GLY A 82 -2.67 -9.18 -16.52
CA GLY A 82 -1.95 -10.27 -17.19
C GLY A 82 -1.38 -11.25 -16.19
N ASN A 83 -0.23 -11.80 -16.49
CA ASN A 83 0.45 -12.82 -15.66
C ASN A 83 1.66 -12.20 -15.02
N TYR A 84 1.82 -12.45 -13.72
CA TYR A 84 2.94 -11.94 -12.90
C TYR A 84 3.47 -13.08 -12.06
N VAL A 85 4.67 -12.91 -11.52
CA VAL A 85 5.28 -13.85 -10.54
C VAL A 85 5.88 -13.01 -9.42
N CYS A 86 5.78 -13.55 -8.21
CA CYS A 86 6.51 -13.12 -7.01
C CYS A 86 7.52 -14.21 -6.65
N ILE A 87 8.82 -13.87 -6.59
CA ILE A 87 9.93 -14.86 -6.46
C ILE A 87 10.76 -14.50 -5.22
N VAL A 88 11.02 -15.50 -4.36
CA VAL A 88 12.12 -15.46 -3.37
C VAL A 88 13.35 -15.96 -4.10
N GLN A 89 14.26 -15.06 -4.44
CA GLN A 89 15.39 -15.30 -5.35
C GLN A 89 16.56 -15.91 -4.56
N LYS A 90 17.52 -16.48 -5.27
CA LYS A 90 18.78 -17.02 -4.70
C LYS A 90 19.61 -15.91 -4.05
N ASP A 91 19.44 -14.67 -4.48
CA ASP A 91 20.20 -13.52 -3.94
C ASP A 91 19.49 -12.94 -2.71
N ARG A 92 18.36 -13.54 -2.27
CA ARG A 92 17.61 -13.21 -1.01
C ARG A 92 16.70 -11.99 -1.22
N ASN A 93 16.63 -11.47 -2.43
CA ASN A 93 15.60 -10.47 -2.81
C ASN A 93 14.25 -11.17 -3.09
N VAL A 94 13.17 -10.50 -2.73
CA VAL A 94 11.80 -10.92 -3.10
C VAL A 94 11.33 -9.91 -4.13
N VAL A 95 10.93 -10.38 -5.32
CA VAL A 95 10.70 -9.47 -6.48
C VAL A 95 9.40 -9.87 -7.18
N ILE A 96 8.64 -8.88 -7.61
CA ILE A 96 7.48 -9.09 -8.53
C ILE A 96 7.93 -8.76 -9.93
N TYR A 97 7.73 -9.68 -10.88
CA TYR A 97 8.02 -9.50 -12.31
C TYR A 97 6.74 -9.70 -13.10
N GLY A 98 6.58 -8.86 -14.13
CA GLY A 98 5.54 -9.05 -15.15
C GLY A 98 5.43 -7.78 -15.98
N THR A 99 4.68 -7.84 -17.06
CA THR A 99 3.84 -8.95 -17.46
C THR A 99 4.70 -10.02 -18.21
N ALA A 100 4.10 -11.12 -18.63
CA ALA A 100 4.72 -12.16 -19.49
C ALA A 100 4.98 -11.57 -20.86
N ARG A 101 6.20 -11.70 -21.39
CA ARG A 101 6.62 -11.11 -22.69
C ARG A 101 6.64 -12.18 -23.79
N TRP A 102 6.79 -13.45 -23.42
CA TRP A 102 7.00 -14.59 -24.36
C TRP A 102 6.84 -15.91 -23.60
N ALA A 103 6.36 -16.95 -24.28
CA ALA A 103 6.21 -18.30 -23.73
C ALA A 103 6.32 -19.33 -24.87
N THR A 104 6.74 -20.54 -24.52
CA THR A 104 6.76 -21.70 -25.44
C THR A 104 5.33 -22.13 -25.74
N GLY A 105 4.37 -21.90 -24.84
CA GLY A 105 2.99 -22.36 -25.01
C GLY A 105 2.87 -23.88 -24.84
N THR A 106 3.64 -24.44 -23.90
CA THR A 106 3.76 -25.90 -23.67
C THR A 106 3.11 -26.27 -22.33
N ASN A 107 2.32 -25.36 -21.76
CA ASN A 107 1.51 -25.58 -20.52
C ASN A 107 0.61 -26.81 -20.70
N ILE A 108 0.23 -27.47 -19.59
CA ILE A 108 -0.73 -28.63 -19.54
C ILE A 108 -2.11 -28.13 -19.06
N ASP B 1 -4.44 24.45 4.69
CA ASP B 1 -4.34 24.57 3.19
C ASP B 1 -3.15 23.71 2.71
N ASN B 2 -2.05 23.58 3.46
CA ASN B 2 -0.94 22.62 3.13
C ASN B 2 -0.81 21.49 4.16
N ILE B 3 -1.74 21.36 5.10
CA ILE B 3 -1.74 20.32 6.15
C ILE B 3 -3.07 19.58 6.13
N LEU B 4 -3.03 18.26 6.13
CA LEU B 4 -4.18 17.37 6.42
C LEU B 4 -3.95 16.74 7.78
N TYR B 5 -4.84 16.96 8.72
CA TYR B 5 -4.74 16.42 10.10
C TYR B 5 -5.38 15.05 10.12
N SER B 6 -4.89 14.17 10.98
CA SER B 6 -5.53 12.86 11.22
C SER B 6 -7.00 13.08 11.60
N GLY B 7 -7.91 12.31 11.00
CA GLY B 7 -9.36 12.43 11.18
C GLY B 7 -10.00 13.27 10.08
N GLU B 8 -9.22 13.90 9.20
CA GLU B 8 -9.76 14.70 8.06
C GLU B 8 -9.62 13.90 6.77
N THR B 9 -10.42 14.27 5.78
CA THR B 9 -10.40 13.67 4.43
C THR B 9 -10.38 14.79 3.41
N LEU B 10 -9.68 14.59 2.29
CA LEU B 10 -9.87 15.35 1.03
C LEU B 10 -10.93 14.66 0.20
N SER B 11 -12.01 15.36 -0.13
CA SER B 11 -13.05 14.91 -1.07
C SER B 11 -12.53 14.99 -2.50
N PRO B 12 -13.23 14.36 -3.47
CA PRO B 12 -12.81 14.41 -4.86
C PRO B 12 -12.72 15.86 -5.36
N GLY B 13 -11.62 16.22 -6.04
CA GLY B 13 -11.33 17.57 -6.54
C GLY B 13 -10.63 18.46 -5.51
N GLU B 14 -10.55 18.06 -4.23
CA GLU B 14 -9.92 18.89 -3.16
C GLU B 14 -8.43 18.63 -3.13
N SER B 15 -7.66 19.60 -2.63
CA SER B 15 -6.18 19.61 -2.70
C SER B 15 -5.58 20.24 -1.45
N LEU B 16 -4.34 19.88 -1.16
CA LEU B 16 -3.42 20.66 -0.33
C LEU B 16 -2.54 21.44 -1.28
N ASN B 17 -2.15 22.64 -0.87
CA ASN B 17 -1.43 23.59 -1.74
C ASN B 17 -0.35 24.28 -0.92
N TYR B 18 0.85 24.40 -1.49
CA TYR B 18 1.88 25.36 -1.04
C TYR B 18 2.48 26.01 -2.28
N GLY B 19 2.36 27.32 -2.42
CA GLY B 19 2.83 28.03 -3.62
C GLY B 19 2.38 27.31 -4.89
N PRO B 20 3.29 27.01 -5.84
CA PRO B 20 2.89 26.39 -7.11
C PRO B 20 2.66 24.88 -6.99
N TYR B 21 2.78 24.32 -5.77
CA TYR B 21 2.61 22.86 -5.50
C TYR B 21 1.17 22.55 -5.12
N THR B 22 0.60 21.55 -5.78
CA THR B 22 -0.77 21.06 -5.55
C THR B 22 -0.76 19.53 -5.41
N PHE B 23 -1.26 19.04 -4.28
CA PHE B 23 -1.47 17.60 -3.99
C PHE B 23 -2.98 17.34 -4.02
N ILE B 24 -3.47 16.67 -5.06
CA ILE B 24 -4.94 16.61 -5.33
C ILE B 24 -5.44 15.15 -5.39
N MET B 25 -6.57 14.92 -4.72
N MET B 25 -6.58 14.89 -4.71
CA MET B 25 -7.38 13.69 -4.86
CA MET B 25 -7.44 13.69 -4.87
C MET B 25 -8.29 13.88 -6.08
C MET B 25 -8.32 13.87 -6.10
N GLN B 26 -7.86 13.43 -7.26
CA GLN B 26 -8.60 13.68 -8.53
C GLN B 26 -9.88 12.85 -8.60
N GLN B 27 -10.82 13.30 -9.42
N GLN B 27 -10.85 13.35 -9.39
CA GLN B 27 -12.13 12.64 -9.63
CA GLN B 27 -12.12 12.71 -9.80
C GLN B 27 -11.91 11.25 -10.26
C GLN B 27 -11.85 11.26 -10.18
N ASP B 28 -10.79 11.05 -10.97
CA ASP B 28 -10.45 9.75 -11.61
C ASP B 28 -9.75 8.77 -10.62
N CYS B 29 -9.67 9.14 -9.32
CA CYS B 29 -9.11 8.36 -8.18
C CYS B 29 -7.57 8.29 -8.24
N ASN B 30 -6.94 9.12 -9.06
CA ASN B 30 -5.47 9.28 -9.02
C ASN B 30 -5.15 10.33 -7.98
N LEU B 31 -4.16 10.05 -7.13
CA LEU B 31 -3.60 11.02 -6.15
C LEU B 31 -2.29 11.58 -6.73
N VAL B 32 -2.25 12.88 -7.04
CA VAL B 32 -1.14 13.48 -7.85
C VAL B 32 -0.58 14.72 -7.17
N LEU B 33 0.74 14.85 -7.18
CA LEU B 33 1.49 16.05 -6.79
C LEU B 33 1.91 16.75 -8.08
N TYR B 34 1.42 17.97 -8.29
CA TYR B 34 1.79 18.81 -9.45
C TYR B 34 2.71 19.93 -8.97
N ASP B 35 3.81 20.16 -9.71
CA ASP B 35 4.60 21.41 -9.73
C ASP B 35 4.13 22.23 -10.92
N VAL B 36 3.30 23.25 -10.68
CA VAL B 36 2.51 24.00 -11.71
C VAL B 36 1.65 22.97 -12.48
N ASP B 37 1.96 22.67 -13.74
CA ASP B 37 1.17 21.71 -14.55
C ASP B 37 1.89 20.36 -14.72
N LYS B 38 3.02 20.15 -14.03
CA LYS B 38 3.86 18.95 -14.24
C LYS B 38 3.59 17.96 -13.11
N PRO B 39 3.12 16.73 -13.42
CA PRO B 39 2.99 15.69 -12.40
C PRO B 39 4.41 15.22 -12.00
N ILE B 40 4.68 15.22 -10.72
CA ILE B 40 6.03 14.92 -10.15
C ILE B 40 5.97 13.59 -9.39
N TRP B 41 4.78 13.20 -8.93
CA TRP B 41 4.51 11.95 -8.19
C TRP B 41 3.03 11.59 -8.36
N ALA B 42 2.69 10.31 -8.44
CA ALA B 42 1.28 9.86 -8.49
C ALA B 42 1.15 8.50 -7.83
N SER B 43 -0.03 8.20 -7.28
CA SER B 43 -0.41 6.85 -6.78
C SER B 43 -0.56 5.87 -7.95
N ASN B 44 -0.76 6.38 -9.17
CA ASN B 44 -0.95 5.57 -10.41
C ASN B 44 -2.21 4.70 -10.28
N THR B 45 -3.29 5.28 -9.77
CA THR B 45 -4.60 4.62 -9.55
C THR B 45 -5.66 5.33 -10.37
N GLY B 46 -5.27 6.13 -11.37
CA GLY B 46 -6.22 6.79 -12.28
C GLY B 46 -7.06 5.77 -13.03
N GLY B 47 -8.40 5.84 -12.91
CA GLY B 47 -9.33 5.01 -13.69
C GLY B 47 -9.77 3.76 -12.94
N LEU B 48 -9.26 3.51 -11.73
CA LEU B 48 -9.63 2.28 -10.97
C LEU B 48 -11.01 2.48 -10.34
N ALA B 49 -11.47 3.72 -10.23
CA ALA B 49 -12.79 4.07 -9.66
C ALA B 49 -13.08 5.56 -9.88
N GLN B 50 -14.21 6.04 -9.38
CA GLN B 50 -14.67 7.45 -9.46
C GLN B 50 -15.09 7.91 -8.06
N GLY B 51 -14.85 9.19 -7.72
CA GLY B 51 -15.35 9.78 -6.47
C GLY B 51 -14.63 9.25 -5.25
N CYS B 52 -13.31 9.07 -5.35
CA CYS B 52 -12.47 8.59 -4.22
C CYS B 52 -12.26 9.73 -3.23
N HIS B 53 -12.01 9.42 -1.96
CA HIS B 53 -11.57 10.39 -0.93
C HIS B 53 -10.24 9.91 -0.35
N LEU B 54 -9.42 10.85 0.08
CA LEU B 54 -8.16 10.62 0.81
C LEU B 54 -8.40 10.83 2.31
N SER B 55 -8.09 9.84 3.16
CA SER B 55 -8.17 9.91 4.64
C SER B 55 -6.75 9.84 5.21
N MET B 56 -6.41 10.80 6.07
CA MET B 56 -5.27 10.71 7.01
C MET B 56 -5.81 10.12 8.32
N GLN B 57 -5.47 8.86 8.62
CA GLN B 57 -6.12 8.11 9.72
C GLN B 57 -5.34 8.29 11.01
N SER B 58 -6.00 8.00 12.13
CA SER B 58 -5.47 7.99 13.52
C SER B 58 -4.41 6.93 13.71
N ASP B 59 -4.33 5.94 12.83
CA ASP B 59 -3.32 4.85 12.92
C ASP B 59 -2.09 5.23 12.08
N GLY B 60 -2.08 6.41 11.46
CA GLY B 60 -0.91 6.93 10.73
C GLY B 60 -0.88 6.53 9.26
N ASN B 61 -1.89 5.81 8.78
CA ASN B 61 -2.02 5.35 7.36
C ASN B 61 -2.75 6.42 6.55
N LEU B 62 -2.18 6.82 5.43
CA LEU B 62 -2.83 7.68 4.41
C LEU B 62 -3.41 6.76 3.32
N VAL B 63 -4.74 6.73 3.19
CA VAL B 63 -5.50 5.76 2.37
C VAL B 63 -6.39 6.52 1.36
N VAL B 64 -6.34 6.11 0.09
CA VAL B 64 -7.36 6.43 -0.94
C VAL B 64 -8.46 5.37 -0.89
N TYR B 65 -9.68 5.78 -0.56
CA TYR B 65 -10.89 4.92 -0.52
C TYR B 65 -11.77 5.23 -1.73
N SER B 66 -12.28 4.17 -2.38
CA SER B 66 -13.39 4.24 -3.36
C SER B 66 -14.71 4.35 -2.61
N PRO B 67 -15.81 4.84 -3.25
CA PRO B 67 -17.07 5.05 -2.54
C PRO B 67 -17.72 3.79 -1.93
N SER B 68 -17.25 2.59 -2.27
CA SER B 68 -17.72 1.31 -1.64
C SER B 68 -17.02 1.08 -0.28
N GLY B 69 -16.29 2.08 0.25
CA GLY B 69 -15.47 2.01 1.48
C GLY B 69 -14.26 1.08 1.30
N ASN B 70 -13.78 0.93 0.05
CA ASN B 70 -12.77 -0.08 -0.42
C ASN B 70 -11.40 0.62 -0.61
N ARG B 71 -10.35 0.07 0.03
N ARG B 71 -10.37 0.09 0.05
CA ARG B 71 -8.97 0.62 -0.03
CA ARG B 71 -8.99 0.62 -0.03
C ARG B 71 -8.41 0.44 -1.45
C ARG B 71 -8.48 0.46 -1.46
N ILE B 72 -7.97 1.55 -2.06
CA ILE B 72 -7.45 1.62 -3.46
C ILE B 72 -5.91 1.75 -3.42
N TRP B 73 -5.39 2.54 -2.49
CA TRP B 73 -3.94 2.80 -2.32
C TRP B 73 -3.72 3.17 -0.85
N ALA B 74 -2.55 2.87 -0.29
CA ALA B 74 -2.16 3.32 1.07
C ALA B 74 -0.67 3.54 1.14
N SER B 75 -0.25 4.41 2.07
CA SER B 75 1.18 4.64 2.42
C SER B 75 1.75 3.39 3.13
N ASN B 76 0.90 2.53 3.72
CA ASN B 76 1.27 1.31 4.50
C ASN B 76 2.04 1.71 5.76
N THR B 77 1.58 2.73 6.47
CA THR B 77 2.26 3.32 7.65
C THR B 77 1.36 3.22 8.88
N GLN B 78 0.57 2.14 9.00
CA GLN B 78 -0.19 1.85 10.24
C GLN B 78 0.81 1.66 11.37
N GLY B 79 0.54 2.26 12.50
CA GLY B 79 1.27 2.02 13.74
C GLY B 79 0.45 2.46 14.94
N GLU B 80 1.11 3.12 15.89
CA GLU B 80 0.52 3.66 17.13
C GLU B 80 -0.70 4.49 16.77
N ASN B 81 -1.81 4.28 17.46
CA ASN B 81 -2.98 5.17 17.43
C ASN B 81 -2.61 6.52 18.06
N GLY B 82 -2.95 7.62 17.39
CA GLY B 82 -2.80 8.97 17.95
C GLY B 82 -3.04 10.01 16.90
N ASN B 83 -2.26 11.09 16.94
CA ASN B 83 -2.43 12.25 16.04
C ASN B 83 -1.26 12.28 15.10
N TYR B 84 -1.55 12.48 13.81
CA TYR B 84 -0.57 12.55 12.70
C TYR B 84 -0.90 13.75 11.85
N VAL B 85 0.05 14.18 11.02
CA VAL B 85 -0.17 15.21 9.97
C VAL B 85 0.47 14.72 8.69
N CYS B 86 -0.18 15.05 7.58
CA CYS B 86 0.36 14.97 6.22
C CYS B 86 0.57 16.39 5.69
N ILE B 87 1.80 16.75 5.32
CA ILE B 87 2.16 18.15 4.97
C ILE B 87 2.70 18.16 3.53
N VAL B 88 2.19 19.08 2.70
CA VAL B 88 2.90 19.57 1.48
C VAL B 88 3.84 20.66 1.94
N GLN B 89 5.14 20.34 1.98
CA GLN B 89 6.18 21.18 2.59
C GLN B 89 6.66 22.23 1.58
N LYS B 90 7.35 23.25 2.07
CA LYS B 90 7.91 24.34 1.25
C LYS B 90 8.99 23.77 0.33
N ASP B 91 9.60 22.65 0.72
CA ASP B 91 10.69 22.03 -0.07
C ASP B 91 10.10 21.08 -1.13
N ARG B 92 8.77 21.02 -1.26
CA ARG B 92 8.02 20.25 -2.31
C ARG B 92 7.95 18.75 -1.97
N ASN B 93 8.38 18.37 -0.78
CA ASN B 93 8.16 16.99 -0.26
C ASN B 93 6.77 16.92 0.38
N VAL B 94 6.12 15.78 0.25
CA VAL B 94 4.86 15.48 0.99
C VAL B 94 5.21 14.44 2.03
N VAL B 95 4.95 14.74 3.30
CA VAL B 95 5.50 13.92 4.42
C VAL B 95 4.41 13.65 5.44
N ILE B 96 4.37 12.44 5.97
CA ILE B 96 3.53 12.11 7.16
C ILE B 96 4.43 12.14 8.39
N TYR B 97 4.02 12.89 9.41
CA TYR B 97 4.69 12.95 10.73
C TYR B 97 3.72 12.50 11.81
N GLY B 98 4.23 11.76 12.78
CA GLY B 98 3.53 11.50 14.05
C GLY B 98 4.29 10.45 14.84
N THR B 99 3.93 10.22 16.09
CA THR B 99 2.76 10.75 16.73
C THR B 99 3.07 12.17 17.29
N ALA B 100 2.12 12.85 17.90
CA ALA B 100 2.33 14.13 18.63
C ALA B 100 3.17 13.83 19.87
N ARG B 101 4.25 14.58 20.11
CA ARG B 101 5.19 14.35 21.24
C ARG B 101 4.93 15.36 22.35
N TRP B 102 4.37 16.53 22.02
CA TRP B 102 4.18 17.65 22.98
C TRP B 102 3.21 18.66 22.38
N ALA B 103 2.45 19.35 23.24
CA ALA B 103 1.51 20.42 22.83
C ALA B 103 1.38 21.45 23.95
N THR B 104 1.07 22.70 23.58
CA THR B 104 0.71 23.79 24.51
C THR B 104 -0.63 23.46 25.17
N GLY B 105 -1.52 22.74 24.50
CA GLY B 105 -2.85 22.42 25.04
C GLY B 105 -3.77 23.63 24.98
N THR B 106 -3.64 24.46 23.94
CA THR B 106 -4.34 25.76 23.79
C THR B 106 -5.40 25.64 22.68
N ASN B 107 -5.77 24.43 22.28
CA ASN B 107 -6.85 24.14 21.29
C ASN B 107 -8.18 24.75 21.79
N ILE B 108 -9.11 25.06 20.87
CA ILE B 108 -10.42 25.73 21.14
C ILE B 108 -11.56 24.71 21.04
#